data_3VBN
#
_entry.id   3VBN
#
_cell.length_a   71.076
_cell.length_b   71.076
_cell.length_c   137.749
_cell.angle_alpha   90.00
_cell.angle_beta   90.00
_cell.angle_gamma   90.00
#
_symmetry.space_group_name_H-M   'P 41'
#
loop_
_entity.id
_entity.type
_entity.pdbx_description
1 polymer 'Galactoside O-acetyltransferase'
2 non-polymer 'COENZYME A'
3 non-polymer "THYMIDINE-5'-DIPHOSPHATE"
4 non-polymer 'CHLORIDE ION'
5 water water
#
_entity_poly.entity_id   1
_entity_poly.type   'polypeptide(L)'
_entity_poly.pdbx_seq_one_letter_code
;MGSHHHHHHENLYFQGHMNSFYSQEELKKIGFLSVGKNVLISKKASIYNPGVISIGNNVRIDDFCILSGKVTIGSYSHIA
AYTALYGGEVGIEMYDFANISSRTIVYAAIADFSGNALMGPTIPNQYKNVKTGKVILKKHVIIGAHSIIFPNVVIGEGVA
VGAMSMVKESLDDWYIYVGVPVRKIKARKRKIVELENEFLKSMNS
;
_entity_poly.pdbx_strand_id   A,C,E
#
loop_
_chem_comp.id
_chem_comp.type
_chem_comp.name
_chem_comp.formula
CL non-polymer 'CHLORIDE ION' 'Cl -1'
COA non-polymer 'COENZYME A' 'C21 H36 N7 O16 P3 S'
TYD non-polymer THYMIDINE-5'-DIPHOSPHATE 'C10 H16 N2 O11 P2'
#
# COMPACT_ATOMS: atom_id res chain seq x y z
N MET A 18 8.76 15.04 -15.07
CA MET A 18 7.48 15.36 -15.77
C MET A 18 6.29 15.49 -14.79
N ASN A 19 5.14 14.95 -15.21
CA ASN A 19 3.90 14.75 -14.43
C ASN A 19 2.87 13.97 -15.22
N SER A 20 1.90 13.41 -14.50
CA SER A 20 1.16 12.24 -14.96
C SER A 20 -0.28 12.54 -15.36
N PHE A 21 -0.67 13.81 -15.28
CA PHE A 21 -2.07 14.19 -15.30
C PHE A 21 -2.70 14.25 -16.67
N TYR A 22 -3.97 13.82 -16.75
CA TYR A 22 -4.90 14.17 -17.83
C TYR A 22 -4.93 15.67 -18.06
N SER A 23 -5.36 16.10 -19.24
CA SER A 23 -5.53 17.53 -19.53
C SER A 23 -7.03 17.75 -19.53
N GLN A 24 -7.43 19.02 -19.37
CA GLN A 24 -8.86 19.36 -19.24
C GLN A 24 -9.65 18.68 -20.36
N GLU A 25 -8.99 18.57 -21.52
CA GLU A 25 -9.46 17.84 -22.70
C GLU A 25 -9.78 16.38 -22.41
N GLU A 26 -8.80 15.59 -21.98
CA GLU A 26 -9.03 14.17 -21.76
C GLU A 26 -10.03 13.92 -20.63
N LEU A 27 -9.95 14.75 -19.60
CA LEU A 27 -10.94 14.72 -18.53
C LEU A 27 -12.35 14.59 -19.09
N LYS A 28 -12.68 15.55 -19.95
CA LYS A 28 -13.97 15.69 -20.61
C LYS A 28 -14.42 14.45 -21.37
N LYS A 29 -13.47 13.73 -21.96
CA LYS A 29 -13.79 12.53 -22.73
C LYS A 29 -14.04 11.31 -21.85
N ILE A 30 -13.74 11.42 -20.55
CA ILE A 30 -13.90 10.30 -19.62
C ILE A 30 -15.35 9.93 -19.30
N GLY A 31 -16.26 10.91 -19.31
CA GLY A 31 -17.67 10.63 -19.05
C GLY A 31 -18.02 10.63 -17.57
N PHE A 32 -17.43 11.59 -16.85
CA PHE A 32 -17.77 11.78 -15.45
C PHE A 32 -19.21 12.27 -15.26
N LEU A 33 -19.86 11.85 -14.16
CA LEU A 33 -21.15 12.44 -13.78
C LEU A 33 -21.02 13.96 -13.84
N SER A 34 -19.97 14.53 -13.25
CA SER A 34 -19.68 15.95 -13.30
C SER A 34 -18.23 16.13 -12.87
N VAL A 35 -17.46 16.96 -13.56
CA VAL A 35 -16.09 17.22 -13.14
C VAL A 35 -15.75 18.71 -13.12
N GLY A 36 -15.24 19.24 -12.01
CA GLY A 36 -14.92 20.66 -11.95
C GLY A 36 -13.76 21.23 -12.78
N LYS A 37 -13.21 22.32 -12.30
CA LYS A 37 -12.11 22.92 -13.02
C LYS A 37 -10.86 22.73 -12.17
N ASN A 38 -9.74 22.83 -12.85
CA ASN A 38 -8.49 22.51 -12.20
C ASN A 38 -8.54 21.13 -11.53
N VAL A 39 -9.11 20.15 -12.23
CA VAL A 39 -9.09 18.76 -11.79
C VAL A 39 -7.87 18.01 -12.38
N LEU A 40 -6.92 17.59 -11.55
CA LEU A 40 -5.75 16.83 -12.02
C LEU A 40 -5.89 15.36 -11.67
N ILE A 41 -6.10 14.48 -12.64
CA ILE A 41 -6.16 13.08 -12.27
C ILE A 41 -5.00 12.43 -13.00
N SER A 42 -4.21 11.58 -12.33
CA SER A 42 -3.12 10.85 -12.99
C SER A 42 -3.64 9.81 -13.95
N LYS A 43 -2.96 9.61 -15.08
CA LYS A 43 -3.35 8.54 -16.00
C LYS A 43 -2.98 7.19 -15.44
N LYS A 44 -2.25 7.21 -14.33
CA LYS A 44 -1.77 6.02 -13.66
C LYS A 44 -2.77 5.59 -12.58
N ALA A 45 -3.87 6.33 -12.47
CA ALA A 45 -4.97 5.86 -11.65
C ALA A 45 -6.00 5.10 -12.48
N SER A 46 -6.80 4.30 -11.79
CA SER A 46 -7.92 3.57 -12.34
C SER A 46 -9.25 4.21 -12.02
N ILE A 47 -10.09 4.42 -13.04
CA ILE A 47 -11.43 5.00 -12.78
C ILE A 47 -12.53 4.09 -13.27
N TYR A 48 -13.29 3.48 -12.36
CA TYR A 48 -14.27 2.47 -12.74
C TYR A 48 -15.65 3.07 -12.49
N ASN A 49 -16.48 2.97 -13.53
CA ASN A 49 -17.82 3.53 -13.57
C ASN A 49 -17.84 5.05 -13.32
N PRO A 50 -17.25 5.82 -14.25
CA PRO A 50 -17.08 7.27 -14.04
C PRO A 50 -18.41 8.02 -14.15
N GLY A 51 -19.35 7.36 -14.83
CA GLY A 51 -20.72 7.82 -14.92
C GLY A 51 -21.40 8.07 -13.59
N VAL A 52 -20.83 7.61 -12.48
CA VAL A 52 -21.36 7.99 -11.15
C VAL A 52 -20.31 8.57 -10.21
N ILE A 53 -19.26 9.17 -10.76
CA ILE A 53 -18.16 9.75 -10.01
C ILE A 53 -18.20 11.25 -10.26
N SER A 54 -18.16 12.05 -9.20
CA SER A 54 -18.34 13.48 -9.36
CA SER A 54 -18.34 13.48 -9.35
C SER A 54 -17.21 14.20 -8.65
N ILE A 55 -16.65 15.18 -9.33
CA ILE A 55 -15.56 15.94 -8.78
C ILE A 55 -15.81 17.46 -8.87
N GLY A 56 -15.74 18.15 -7.75
CA GLY A 56 -15.82 19.62 -7.72
C GLY A 56 -14.57 20.29 -8.30
N ASN A 57 -14.05 21.32 -7.64
CA ASN A 57 -13.01 22.06 -8.33
C ASN A 57 -11.73 21.84 -7.58
N ASN A 58 -10.62 22.17 -8.22
CA ASN A 58 -9.32 22.09 -7.58
C ASN A 58 -9.17 20.79 -6.81
N VAL A 59 -9.31 19.67 -7.52
CA VAL A 59 -9.05 18.33 -7.01
C VAL A 59 -7.79 17.69 -7.63
N ARG A 60 -7.01 16.97 -6.81
CA ARG A 60 -5.90 16.15 -7.33
C ARG A 60 -5.93 14.70 -6.87
N ILE A 61 -5.88 13.80 -7.86
CA ILE A 61 -5.85 12.37 -7.64
C ILE A 61 -4.59 11.74 -8.28
N ASP A 62 -3.69 11.21 -7.46
CA ASP A 62 -2.35 10.80 -7.85
C ASP A 62 -2.27 9.38 -8.35
N ASP A 63 -1.11 8.99 -8.89
CA ASP A 63 -0.85 7.67 -9.42
C ASP A 63 -1.41 6.54 -8.59
N PHE A 64 -1.86 5.48 -9.24
CA PHE A 64 -2.28 4.25 -8.56
C PHE A 64 -3.48 4.30 -7.62
N CYS A 65 -4.23 5.39 -7.61
CA CYS A 65 -5.48 5.41 -6.86
C CYS A 65 -6.44 4.62 -7.70
N ILE A 66 -7.43 4.04 -7.04
CA ILE A 66 -8.54 3.45 -7.74
C ILE A 66 -9.83 4.14 -7.27
N LEU A 67 -10.64 4.62 -8.21
CA LEU A 67 -12.01 4.98 -7.87
C LEU A 67 -12.95 4.01 -8.54
N SER A 68 -13.80 3.35 -7.77
CA SER A 68 -14.80 2.46 -8.33
C SER A 68 -16.18 2.81 -7.79
N GLY A 69 -17.23 2.69 -8.60
CA GLY A 69 -18.61 3.04 -8.17
C GLY A 69 -18.86 4.46 -7.67
N LYS A 70 -19.98 4.63 -6.95
CA LYS A 70 -20.49 5.96 -6.58
C LYS A 70 -19.52 6.74 -5.71
N VAL A 71 -18.76 7.65 -6.31
CA VAL A 71 -17.89 8.55 -5.54
C VAL A 71 -18.17 9.99 -5.91
N THR A 72 -18.28 10.84 -4.90
CA THR A 72 -18.55 12.26 -5.07
C THR A 72 -17.52 13.04 -4.26
N ILE A 73 -16.68 13.83 -4.92
CA ILE A 73 -15.67 14.62 -4.21
C ILE A 73 -15.97 16.08 -4.43
N GLY A 74 -15.94 16.86 -3.36
CA GLY A 74 -16.23 18.29 -3.44
C GLY A 74 -15.12 19.07 -4.14
N SER A 75 -14.55 20.06 -3.46
CA SER A 75 -13.56 20.95 -4.06
C SER A 75 -12.41 21.19 -3.10
N TYR A 76 -11.20 21.33 -3.65
CA TYR A 76 -10.00 21.46 -2.84
C TYR A 76 -9.67 20.21 -2.03
N SER A 77 -9.74 19.06 -2.71
CA SER A 77 -9.34 17.83 -2.10
C SER A 77 -8.17 17.21 -2.88
N HIS A 78 -7.15 16.81 -2.12
CA HIS A 78 -6.11 15.88 -2.55
C HIS A 78 -6.40 14.41 -2.12
N ILE A 79 -6.54 13.55 -3.12
CA ILE A 79 -6.54 12.11 -2.94
C ILE A 79 -5.12 11.62 -3.31
N ALA A 80 -4.25 11.41 -2.31
CA ALA A 80 -2.89 10.94 -2.59
C ALA A 80 -2.80 9.53 -3.18
N ALA A 81 -1.61 9.25 -3.68
CA ALA A 81 -1.31 8.00 -4.35
C ALA A 81 -1.69 6.77 -3.58
N TYR A 82 -2.13 5.79 -4.37
CA TYR A 82 -2.45 4.42 -3.97
C TYR A 82 -3.78 4.25 -3.27
N THR A 83 -4.52 5.35 -3.12
CA THR A 83 -5.71 5.36 -2.27
C THR A 83 -6.81 4.75 -3.11
N ALA A 84 -7.62 3.88 -2.52
CA ALA A 84 -8.65 3.17 -3.24
C ALA A 84 -9.95 3.73 -2.68
N LEU A 85 -10.98 3.93 -3.48
CA LEU A 85 -12.30 4.37 -3.00
C LEU A 85 -13.35 3.43 -3.58
N TYR A 86 -13.89 2.57 -2.74
CA TYR A 86 -14.70 1.48 -3.30
C TYR A 86 -16.10 1.97 -2.98
N GLY A 87 -16.61 2.78 -3.92
CA GLY A 87 -17.79 3.62 -3.72
C GLY A 87 -19.02 2.79 -3.80
N GLY A 88 -18.94 1.66 -4.49
CA GLY A 88 -20.09 0.77 -4.63
C GLY A 88 -21.36 1.42 -5.16
N GLU A 89 -22.50 0.83 -4.84
CA GLU A 89 -23.75 1.48 -5.20
C GLU A 89 -24.21 2.51 -4.18
N VAL A 90 -23.93 2.31 -2.88
CA VAL A 90 -24.32 3.29 -1.86
C VAL A 90 -23.37 4.48 -1.71
N GLY A 91 -22.13 4.38 -2.16
CA GLY A 91 -21.32 5.57 -2.31
C GLY A 91 -20.46 6.13 -1.20
N ILE A 92 -19.55 6.96 -1.64
CA ILE A 92 -18.68 7.67 -0.75
C ILE A 92 -18.72 9.12 -1.22
N GLU A 93 -18.79 10.02 -0.25
CA GLU A 93 -18.80 11.41 -0.58
C GLU A 93 -17.82 12.12 0.31
N MET A 94 -17.18 13.14 -0.25
CA MET A 94 -16.31 14.03 0.50
C MET A 94 -16.70 15.50 0.38
N TYR A 95 -16.78 16.17 1.53
CA TYR A 95 -17.15 17.57 1.56
C TYR A 95 -15.90 18.33 1.18
N ASP A 96 -15.98 19.65 1.01
CA ASP A 96 -14.82 20.47 0.63
C ASP A 96 -13.71 20.52 1.67
N PHE A 97 -12.49 20.64 1.16
CA PHE A 97 -11.32 20.70 2.01
C PHE A 97 -11.05 19.42 2.77
N ALA A 98 -11.76 18.33 2.45
CA ALA A 98 -11.34 16.98 2.87
C ALA A 98 -10.13 16.45 2.06
N ASN A 99 -9.17 15.82 2.74
CA ASN A 99 -7.97 15.29 2.09
C ASN A 99 -7.61 13.90 2.60
N ILE A 100 -7.07 13.06 1.73
CA ILE A 100 -6.84 11.67 2.09
C ILE A 100 -5.39 11.36 1.76
N SER A 101 -4.60 10.94 2.74
CA SER A 101 -3.19 10.68 2.46
C SER A 101 -2.93 9.34 1.77
N SER A 102 -1.66 9.01 1.55
CA SER A 102 -1.37 7.87 0.67
C SER A 102 -1.77 6.53 1.23
N ARG A 103 -2.12 5.63 0.33
CA ARG A 103 -2.52 4.25 0.62
C ARG A 103 -3.71 4.14 1.53
N THR A 104 -4.64 5.07 1.44
CA THR A 104 -5.82 4.93 2.25
C THR A 104 -6.80 4.07 1.49
N ILE A 105 -7.54 3.19 2.14
CA ILE A 105 -8.74 2.64 1.51
C ILE A 105 -10.00 3.10 2.24
N VAL A 106 -11.01 3.54 1.48
CA VAL A 106 -12.34 3.75 2.05
C VAL A 106 -13.27 2.76 1.36
N TYR A 107 -14.11 2.06 2.11
CA TYR A 107 -14.94 0.98 1.61
C TYR A 107 -16.35 1.44 1.85
N ALA A 108 -17.22 1.38 0.83
CA ALA A 108 -18.62 1.59 1.16
C ALA A 108 -19.27 0.25 1.43
N ALA A 109 -18.58 -0.85 1.16
CA ALA A 109 -19.22 -2.15 1.33
C ALA A 109 -18.23 -3.23 1.71
N ILE A 110 -18.44 -3.95 2.80
CA ILE A 110 -17.53 -5.06 3.05
C ILE A 110 -18.25 -6.40 3.15
N ALA A 111 -17.46 -7.45 2.92
CA ALA A 111 -17.84 -8.83 3.17
C ALA A 111 -18.03 -9.07 4.68
N ASP A 112 -18.54 -10.25 5.00
CA ASP A 112 -18.79 -10.64 6.39
C ASP A 112 -17.78 -11.65 6.86
N PHE A 113 -16.90 -11.21 7.77
CA PHE A 113 -15.79 -11.99 8.29
C PHE A 113 -16.17 -13.01 9.35
N SER A 114 -17.40 -12.97 9.86
CA SER A 114 -17.75 -13.68 11.08
C SER A 114 -17.71 -15.20 10.89
N GLY A 115 -17.97 -15.62 9.66
CA GLY A 115 -18.02 -17.02 9.28
C GLY A 115 -19.45 -17.40 8.90
N ASN A 116 -20.35 -16.42 8.95
CA ASN A 116 -21.74 -16.59 8.60
C ASN A 116 -22.03 -16.40 7.12
N ALA A 117 -21.02 -16.16 6.29
CA ALA A 117 -21.24 -16.05 4.84
C ALA A 117 -20.04 -16.31 3.93
N LEU A 118 -20.29 -16.70 2.69
CA LEU A 118 -19.27 -16.71 1.65
C LEU A 118 -19.04 -15.29 1.18
N MET A 119 -18.02 -15.10 0.33
CA MET A 119 -17.53 -13.74 0.07
C MET A 119 -16.82 -13.42 -1.26
N GLY A 120 -16.79 -12.11 -1.54
CA GLY A 120 -16.09 -11.55 -2.67
C GLY A 120 -16.90 -11.71 -3.94
N PRO A 121 -16.35 -11.20 -5.04
CA PRO A 121 -16.96 -11.20 -6.38
C PRO A 121 -17.42 -12.57 -6.90
N THR A 122 -16.51 -13.55 -6.77
CA THR A 122 -16.63 -14.91 -7.29
C THR A 122 -17.93 -15.64 -6.89
N ILE A 123 -18.47 -15.24 -5.74
CA ILE A 123 -19.62 -15.87 -5.08
C ILE A 123 -20.99 -15.17 -5.26
N PRO A 124 -22.02 -15.88 -5.77
CA PRO A 124 -23.39 -15.40 -5.89
C PRO A 124 -23.96 -14.77 -4.62
N ASN A 125 -24.44 -13.55 -4.81
CA ASN A 125 -24.98 -12.69 -3.77
C ASN A 125 -25.70 -13.41 -2.64
N GLN A 126 -26.53 -14.39 -2.99
CA GLN A 126 -27.52 -14.93 -2.05
C GLN A 126 -26.89 -15.74 -0.90
N TYR A 127 -25.62 -16.06 -1.11
CA TYR A 127 -24.78 -16.70 -0.10
C TYR A 127 -23.91 -15.75 0.74
N LYS A 128 -23.73 -14.54 0.22
CA LYS A 128 -23.01 -13.49 0.94
C LYS A 128 -23.87 -12.82 2.01
N ASN A 129 -23.24 -11.90 2.75
CA ASN A 129 -23.90 -11.11 3.78
C ASN A 129 -23.16 -9.77 3.91
N VAL A 130 -23.19 -8.98 2.84
CA VAL A 130 -22.48 -7.71 2.76
C VAL A 130 -22.89 -6.65 3.79
N LYS A 131 -21.89 -5.98 4.38
CA LYS A 131 -22.06 -4.78 5.23
C LYS A 131 -21.93 -3.54 4.35
N THR A 132 -22.97 -2.70 4.30
CA THR A 132 -22.89 -1.59 3.38
C THR A 132 -23.60 -0.35 3.94
N GLY A 133 -23.02 0.83 3.71
CA GLY A 133 -23.63 2.09 4.08
C GLY A 133 -22.85 3.25 3.49
N LYS A 134 -23.53 4.31 3.07
CA LYS A 134 -22.89 5.56 2.64
C LYS A 134 -21.76 5.93 3.61
N VAL A 135 -20.65 6.46 3.08
CA VAL A 135 -19.54 6.94 3.86
C VAL A 135 -19.37 8.37 3.47
N ILE A 136 -19.38 9.26 4.45
CA ILE A 136 -19.23 10.68 4.19
C ILE A 136 -18.03 11.20 4.95
N LEU A 137 -17.34 12.16 4.35
CA LEU A 137 -16.21 12.79 4.98
C LEU A 137 -16.55 14.27 4.93
N LYS A 138 -16.80 14.84 6.12
CA LYS A 138 -17.28 16.20 6.29
C LYS A 138 -16.14 17.14 5.95
N LYS A 139 -16.37 18.44 6.08
CA LYS A 139 -15.34 19.41 5.68
C LYS A 139 -14.13 19.29 6.56
N HIS A 140 -12.99 19.50 5.90
CA HIS A 140 -11.72 19.65 6.56
C HIS A 140 -11.21 18.38 7.18
N VAL A 141 -11.82 17.26 6.82
CA VAL A 141 -11.32 15.96 7.28
C VAL A 141 -9.95 15.68 6.62
N ILE A 142 -8.95 15.35 7.43
CA ILE A 142 -7.73 14.73 6.93
C ILE A 142 -7.70 13.26 7.34
N ILE A 143 -7.42 12.35 6.41
CA ILE A 143 -7.27 10.94 6.75
C ILE A 143 -5.80 10.62 6.55
N GLY A 144 -5.10 10.41 7.65
CA GLY A 144 -3.74 9.89 7.72
C GLY A 144 -3.41 8.78 6.74
N ALA A 145 -2.15 8.74 6.35
CA ALA A 145 -1.59 7.73 5.46
C ALA A 145 -1.83 6.32 6.00
N HIS A 146 -2.14 5.43 5.06
CA HIS A 146 -2.17 3.98 5.35
C HIS A 146 -3.38 3.60 6.21
N SER A 147 -4.49 4.32 6.06
CA SER A 147 -5.66 4.04 6.88
C SER A 147 -6.82 3.41 6.15
N ILE A 148 -7.77 2.93 6.94
CA ILE A 148 -8.90 2.23 6.35
C ILE A 148 -10.19 2.72 6.99
N ILE A 149 -11.19 2.95 6.15
CA ILE A 149 -12.48 3.38 6.64
C ILE A 149 -13.52 2.42 6.14
N PHE A 150 -14.35 1.92 7.04
CA PHE A 150 -15.33 0.94 6.64
C PHE A 150 -16.69 1.55 6.34
N PRO A 151 -17.59 0.77 5.76
CA PRO A 151 -18.88 1.30 5.36
C PRO A 151 -19.73 1.94 6.48
N ASN A 152 -20.67 2.79 6.08
CA ASN A 152 -21.75 3.30 6.94
C ASN A 152 -21.19 4.19 8.03
N VAL A 153 -20.15 4.96 7.75
CA VAL A 153 -19.62 5.82 8.80
C VAL A 153 -19.53 7.26 8.29
N VAL A 154 -19.68 8.22 9.20
CA VAL A 154 -19.49 9.60 8.83
C VAL A 154 -18.27 10.01 9.60
N ILE A 155 -17.33 10.63 8.89
CA ILE A 155 -16.18 11.15 9.61
C ILE A 155 -16.53 12.60 9.80
N GLY A 156 -16.55 13.03 11.05
CA GLY A 156 -17.07 14.34 11.44
C GLY A 156 -16.30 15.55 10.97
N GLU A 157 -16.97 16.71 10.92
CA GLU A 157 -16.36 17.94 10.47
C GLU A 157 -15.02 18.19 11.14
N GLY A 158 -14.01 18.38 10.31
CA GLY A 158 -12.69 18.80 10.76
C GLY A 158 -12.00 17.78 11.63
N VAL A 159 -12.37 16.51 11.47
CA VAL A 159 -11.63 15.41 12.10
C VAL A 159 -10.32 15.06 11.37
N ALA A 160 -9.24 14.92 12.13
CA ALA A 160 -8.03 14.26 11.62
C ALA A 160 -7.96 12.83 12.17
N VAL A 161 -7.60 11.90 11.30
CA VAL A 161 -7.42 10.53 11.74
C VAL A 161 -5.96 10.25 11.44
N GLY A 162 -5.19 9.80 12.41
CA GLY A 162 -3.74 9.59 12.25
C GLY A 162 -3.41 8.46 11.30
N ALA A 163 -2.10 8.30 11.06
CA ALA A 163 -1.64 7.31 10.11
C ALA A 163 -1.94 5.92 10.63
N MET A 164 -2.04 4.96 9.72
CA MET A 164 -2.21 3.55 10.10
C MET A 164 -3.33 3.38 11.09
N SER A 165 -4.47 4.00 10.77
CA SER A 165 -5.56 3.92 11.69
C SER A 165 -6.75 3.24 11.00
N MET A 166 -7.68 2.77 11.82
CA MET A 166 -8.79 2.08 11.27
C MET A 166 -10.10 2.55 11.92
N VAL A 167 -11.11 2.75 11.07
CA VAL A 167 -12.34 3.41 11.47
C VAL A 167 -13.51 2.52 11.06
N LYS A 168 -14.27 2.19 12.10
CA LYS A 168 -15.41 1.32 11.99
C LYS A 168 -16.73 1.99 12.34
N GLU A 169 -16.64 3.23 12.82
CA GLU A 169 -17.76 4.00 13.38
C GLU A 169 -17.67 5.48 13.04
N SER A 170 -18.82 6.12 13.08
CA SER A 170 -18.91 7.54 12.88
C SER A 170 -18.05 8.23 13.93
N LEU A 171 -17.43 9.33 13.52
CA LEU A 171 -16.53 10.04 14.40
C LEU A 171 -17.09 11.42 14.76
N ASP A 172 -17.07 11.69 16.06
CA ASP A 172 -17.43 13.01 16.61
C ASP A 172 -16.60 14.11 15.99
N ASP A 173 -17.23 15.25 15.70
CA ASP A 173 -16.57 16.39 15.04
C ASP A 173 -15.36 16.93 15.81
N TRP A 174 -14.38 17.44 15.06
CA TRP A 174 -13.30 18.25 15.62
C TRP A 174 -12.46 17.54 16.65
N TYR A 175 -12.07 16.31 16.33
CA TYR A 175 -11.13 15.59 17.17
C TYR A 175 -10.12 14.83 16.34
N ILE A 176 -8.97 14.52 16.94
CA ILE A 176 -7.91 13.67 16.38
C ILE A 176 -7.98 12.23 16.91
N TYR A 177 -8.06 11.27 16.01
CA TYR A 177 -8.30 9.90 16.40
C TYR A 177 -7.10 9.13 15.92
N VAL A 178 -6.64 8.14 16.69
CA VAL A 178 -5.57 7.25 16.21
C VAL A 178 -5.87 5.82 16.61
N GLY A 179 -5.21 4.91 15.91
CA GLY A 179 -5.06 3.58 16.47
C GLY A 179 -5.90 2.65 15.63
N VAL A 180 -5.86 1.37 15.98
CA VAL A 180 -6.56 0.30 15.26
C VAL A 180 -7.40 -0.50 16.27
N PRO A 181 -8.71 -0.23 16.40
CA PRO A 181 -9.50 0.82 15.79
C PRO A 181 -9.22 2.11 16.54
N VAL A 182 -9.69 3.23 15.98
CA VAL A 182 -9.27 4.53 16.49
C VAL A 182 -9.80 4.85 17.88
N ARG A 183 -8.99 5.58 18.63
CA ARG A 183 -9.43 6.17 19.89
C ARG A 183 -9.15 7.67 19.77
N LYS A 184 -9.99 8.47 20.43
CA LYS A 184 -9.92 9.92 20.44
C LYS A 184 -8.72 10.30 21.30
N ILE A 185 -7.75 10.97 20.69
CA ILE A 185 -6.60 11.43 21.47
C ILE A 185 -6.69 12.87 21.99
N LYS A 186 -7.28 13.79 21.23
CA LYS A 186 -7.36 15.22 21.56
C LYS A 186 -8.16 16.04 20.52
N ALA A 187 -8.48 17.30 20.82
CA ALA A 187 -9.26 18.17 19.93
C ALA A 187 -8.56 18.61 18.64
N ARG A 188 -9.33 18.83 17.57
CA ARG A 188 -8.75 19.48 16.41
C ARG A 188 -8.87 21.01 16.51
N LYS A 189 -7.78 21.75 16.32
CA LYS A 189 -7.87 23.21 16.26
C LYS A 189 -8.93 23.68 15.27
N ARG A 190 -9.74 24.68 15.62
CA ARG A 190 -10.77 25.12 14.67
C ARG A 190 -10.28 26.25 13.77
N LYS A 191 -9.00 26.58 13.95
CA LYS A 191 -8.34 27.66 13.22
C LYS A 191 -8.41 27.55 11.70
N ILE A 192 -8.50 26.33 11.16
CA ILE A 192 -8.78 26.03 9.74
C ILE A 192 -10.02 26.77 9.22
N VAL A 193 -10.98 26.99 10.13
CA VAL A 193 -12.22 27.68 9.78
C VAL A 193 -11.95 29.14 9.38
N GLU A 194 -11.26 29.92 10.22
CA GLU A 194 -10.90 31.31 9.88
C GLU A 194 -10.25 31.36 8.50
N LEU A 195 -9.14 30.63 8.40
CA LEU A 195 -8.35 30.47 7.18
C LEU A 195 -9.20 30.08 5.98
N GLU A 196 -10.14 29.17 6.20
CA GLU A 196 -11.02 28.78 5.12
C GLU A 196 -11.71 30.03 4.58
N ASN A 197 -12.17 30.88 5.50
CA ASN A 197 -12.88 32.12 5.18
C ASN A 197 -11.92 33.14 4.54
N GLU A 198 -10.72 33.27 5.13
CA GLU A 198 -9.74 34.24 4.69
C GLU A 198 -9.29 33.92 3.26
N PHE A 199 -9.02 32.64 3.04
CA PHE A 199 -8.65 32.11 1.73
C PHE A 199 -9.81 32.37 0.79
N LEU A 200 -11.00 31.96 1.18
CA LEU A 200 -12.16 32.06 0.29
C LEU A 200 -12.41 33.49 -0.17
N LYS A 201 -12.24 34.43 0.76
CA LYS A 201 -12.28 35.87 0.51
C LYS A 201 -11.55 36.25 -0.79
N SER A 202 -10.22 36.15 -0.77
CA SER A 202 -9.40 36.57 -1.91
C SER A 202 -9.60 35.87 -3.26
N MET A 203 -10.60 35.00 -3.37
CA MET A 203 -10.81 34.20 -4.60
C MET A 203 -11.24 35.02 -5.82
N ASN B 19 10.52 -9.85 -16.48
CA ASN B 19 10.96 -8.58 -15.79
C ASN B 19 10.54 -7.18 -16.35
N SER B 20 10.61 -6.18 -15.47
CA SER B 20 10.04 -4.86 -15.76
C SER B 20 11.00 -3.73 -16.10
N PHE B 21 12.31 -3.96 -16.02
CA PHE B 21 13.24 -2.84 -15.88
C PHE B 21 13.60 -2.07 -17.15
N TYR B 22 14.16 -0.88 -16.97
CA TYR B 22 14.52 -0.07 -18.12
C TYR B 22 15.84 -0.61 -18.61
N SER B 23 16.04 -0.55 -19.93
CA SER B 23 17.33 -0.87 -20.54
C SER B 23 18.32 0.21 -20.17
N GLN B 24 19.60 -0.07 -20.38
CA GLN B 24 20.64 0.89 -20.04
C GLN B 24 20.44 2.14 -20.90
N GLU B 25 20.01 1.88 -22.14
CA GLU B 25 19.62 2.92 -23.11
C GLU B 25 18.42 3.76 -22.67
N GLU B 26 17.37 3.07 -22.21
CA GLU B 26 16.16 3.68 -21.69
C GLU B 26 16.47 4.65 -20.54
N LEU B 27 17.42 4.30 -19.69
CA LEU B 27 17.70 5.06 -18.48
C LEU B 27 18.41 6.40 -18.66
N LYS B 28 19.51 6.39 -19.42
CA LYS B 28 20.28 7.61 -19.68
C LYS B 28 19.40 8.59 -20.46
N LYS B 29 18.31 8.05 -21.02
CA LYS B 29 17.16 8.81 -21.51
C LYS B 29 16.21 9.44 -20.46
N ILE B 30 16.28 9.08 -19.18
CA ILE B 30 15.39 9.72 -18.22
C ILE B 30 15.92 11.09 -17.81
N GLY B 31 17.22 11.16 -17.56
CA GLY B 31 17.84 12.45 -17.28
C GLY B 31 18.06 12.65 -15.80
N PHE B 32 18.43 11.56 -15.13
CA PHE B 32 18.74 11.64 -13.71
C PHE B 32 19.92 12.54 -13.51
N LEU B 33 19.82 13.50 -12.59
CA LEU B 33 21.01 14.26 -12.18
C LEU B 33 22.26 13.39 -12.36
N SER B 34 22.45 12.39 -11.52
CA SER B 34 23.46 11.35 -11.71
C SER B 34 22.74 10.01 -11.71
N VAL B 35 23.45 8.96 -12.12
CA VAL B 35 22.94 7.60 -12.10
C VAL B 35 24.14 6.71 -12.41
N GLY B 36 24.22 5.56 -11.76
CA GLY B 36 25.35 4.67 -11.95
C GLY B 36 25.04 3.45 -12.78
N LYS B 37 25.78 2.38 -12.52
CA LYS B 37 25.66 1.19 -13.33
C LYS B 37 25.05 0.00 -12.58
N ASN B 38 24.43 -0.88 -13.36
CA ASN B 38 23.64 -2.02 -12.90
C ASN B 38 22.46 -1.50 -12.06
N VAL B 39 21.86 -0.43 -12.58
CA VAL B 39 20.77 0.22 -11.89
C VAL B 39 19.48 -0.17 -12.58
N LEU B 40 18.81 -1.18 -12.06
CA LEU B 40 17.55 -1.67 -12.61
C LEU B 40 16.39 -0.86 -12.04
N ILE B 41 15.59 -0.24 -12.88
CA ILE B 41 14.42 0.51 -12.45
C ILE B 41 13.17 0.02 -13.19
N SER B 42 12.13 -0.41 -12.49
CA SER B 42 10.92 -0.83 -13.18
C SER B 42 10.24 0.27 -14.03
N LYS B 43 9.70 -0.11 -15.19
CA LYS B 43 8.95 0.79 -16.06
C LYS B 43 7.60 1.15 -15.45
N LYS B 44 7.21 0.47 -14.38
CA LYS B 44 5.90 0.72 -13.75
C LYS B 44 6.01 1.53 -12.47
N ALA B 45 7.22 2.03 -12.22
CA ALA B 45 7.53 2.94 -11.12
C ALA B 45 7.41 4.34 -11.70
N SER B 46 7.25 5.38 -10.88
CA SER B 46 7.05 6.72 -11.41
C SER B 46 8.15 7.64 -10.91
N ILE B 47 8.83 8.30 -11.85
CA ILE B 47 9.96 9.15 -11.52
C ILE B 47 9.58 10.63 -11.75
N TYR B 48 9.74 11.47 -10.73
CA TYR B 48 9.30 12.84 -10.91
C TYR B 48 10.41 13.86 -10.64
N ASN B 49 10.82 14.56 -11.69
CA ASN B 49 11.91 15.51 -11.56
C ASN B 49 13.23 14.75 -11.35
N PRO B 50 13.48 13.78 -12.25
CA PRO B 50 14.69 12.94 -12.28
C PRO B 50 15.94 13.80 -12.20
N GLY B 51 15.87 15.02 -12.73
CA GLY B 51 16.99 15.95 -12.69
C GLY B 51 17.31 16.41 -11.29
N VAL B 52 16.69 15.83 -10.27
CA VAL B 52 17.13 16.13 -8.90
C VAL B 52 17.25 14.82 -8.10
N ILE B 53 17.65 13.77 -8.80
CA ILE B 53 17.67 12.44 -8.22
C ILE B 53 18.94 11.82 -8.74
N SER B 54 19.89 11.61 -7.82
CA SER B 54 21.10 10.82 -8.05
C SER B 54 20.95 9.43 -7.48
N ILE B 55 21.45 8.46 -8.24
CA ILE B 55 21.46 7.03 -7.90
C ILE B 55 22.90 6.51 -8.04
N GLY B 56 23.35 5.73 -7.06
CA GLY B 56 24.65 5.08 -7.14
C GLY B 56 24.57 3.84 -8.00
N ASN B 57 25.34 2.82 -7.66
CA ASN B 57 25.45 1.60 -8.46
C ASN B 57 24.80 0.42 -7.74
N ASN B 58 24.31 -0.54 -8.51
CA ASN B 58 23.61 -1.73 -7.98
C ASN B 58 22.44 -1.29 -7.12
N VAL B 59 21.36 -0.90 -7.80
CA VAL B 59 20.21 -0.33 -7.15
C VAL B 59 18.98 -0.91 -7.83
N ARG B 60 18.04 -1.41 -7.03
CA ARG B 60 16.79 -1.89 -7.61
C ARG B 60 15.55 -1.19 -7.09
N ILE B 61 14.78 -0.62 -8.02
CA ILE B 61 13.50 0.03 -7.74
C ILE B 61 12.36 -0.69 -8.48
N ASP B 62 11.45 -1.28 -7.72
CA ASP B 62 10.46 -2.15 -8.30
C ASP B 62 9.19 -1.44 -8.71
N ASP B 63 8.30 -2.21 -9.33
CA ASP B 63 6.95 -1.82 -9.75
C ASP B 63 6.17 -0.87 -8.80
N PHE B 64 5.64 0.22 -9.32
CA PHE B 64 4.73 1.05 -8.53
C PHE B 64 5.37 1.91 -7.44
N CYS B 65 6.69 2.02 -7.47
CA CYS B 65 7.34 3.00 -6.62
C CYS B 65 7.09 4.39 -7.20
N ILE B 66 7.40 5.40 -6.41
CA ILE B 66 7.23 6.77 -6.81
C ILE B 66 8.44 7.42 -6.19
N LEU B 67 9.21 8.06 -7.06
CA LEU B 67 10.28 8.93 -6.62
C LEU B 67 9.93 10.34 -7.07
N SER B 68 9.93 11.31 -6.17
CA SER B 68 9.63 12.67 -6.57
C SER B 68 10.38 13.70 -5.74
N GLY B 69 11.11 14.60 -6.39
CA GLY B 69 11.76 15.69 -5.64
C GLY B 69 13.13 15.17 -5.33
N LYS B 70 13.85 15.83 -4.41
CA LYS B 70 15.23 15.47 -4.12
C LYS B 70 15.40 14.11 -3.42
N VAL B 71 15.75 13.11 -4.21
CA VAL B 71 16.16 11.83 -3.68
C VAL B 71 17.64 11.56 -4.04
N THR B 72 18.47 11.21 -3.07
CA THR B 72 19.83 10.72 -3.35
C THR B 72 19.85 9.28 -2.84
N ILE B 73 20.25 8.31 -3.67
CA ILE B 73 20.39 6.94 -3.22
C ILE B 73 21.81 6.51 -3.58
N GLY B 74 22.54 5.89 -2.66
CA GLY B 74 23.89 5.40 -2.95
C GLY B 74 23.88 4.03 -3.61
N SER B 75 24.57 3.06 -3.01
CA SER B 75 24.81 1.78 -3.67
C SER B 75 24.46 0.53 -2.88
N TYR B 76 24.16 -0.54 -3.61
CA TYR B 76 23.60 -1.76 -3.01
C TYR B 76 22.31 -1.44 -2.23
N SER B 77 21.29 -0.98 -2.95
CA SER B 77 20.04 -0.65 -2.30
C SER B 77 18.89 -1.28 -3.03
N HIS B 78 17.93 -1.78 -2.25
CA HIS B 78 16.72 -2.22 -2.89
C HIS B 78 15.55 -1.34 -2.41
N ILE B 79 14.81 -0.78 -3.36
CA ILE B 79 13.56 -0.08 -3.05
C ILE B 79 12.36 -0.93 -3.47
N ALA B 80 11.82 -1.73 -2.55
CA ALA B 80 10.76 -2.66 -2.93
C ALA B 80 9.49 -2.06 -3.55
N ALA B 81 8.65 -2.91 -4.12
CA ALA B 81 7.50 -2.44 -4.85
C ALA B 81 6.65 -1.54 -3.97
N TYR B 82 6.13 -0.46 -4.54
CA TYR B 82 5.06 0.34 -3.93
C TYR B 82 5.59 1.43 -3.01
N THR B 83 6.88 1.70 -3.10
CA THR B 83 7.42 2.53 -2.07
C THR B 83 7.38 3.92 -2.62
N ALA B 84 6.97 4.88 -1.81
CA ALA B 84 6.93 6.22 -2.34
C ALA B 84 8.00 6.96 -1.58
N LEU B 85 8.85 7.69 -2.29
CA LEU B 85 9.77 8.58 -1.63
C LEU B 85 9.51 10.06 -2.00
N TYR B 86 8.87 10.84 -1.14
CA TYR B 86 8.58 12.22 -1.47
C TYR B 86 9.70 13.13 -1.02
N GLY B 87 10.61 13.38 -1.96
CA GLY B 87 11.82 14.11 -1.65
C GLY B 87 11.63 15.57 -1.30
N GLY B 88 10.62 16.22 -1.88
CA GLY B 88 10.47 17.68 -1.82
C GLY B 88 11.75 18.42 -2.23
N GLU B 89 12.00 19.52 -1.54
CA GLU B 89 13.11 20.41 -1.86
C GLU B 89 14.27 19.86 -1.07
N VAL B 90 13.96 19.61 0.20
CA VAL B 90 14.94 19.24 1.21
C VAL B 90 15.63 17.93 0.83
N GLY B 91 14.86 16.94 0.41
CA GLY B 91 15.46 15.69 -0.03
C GLY B 91 15.43 14.62 1.05
N ILE B 92 15.57 13.41 0.51
CA ILE B 92 15.68 12.17 1.23
C ILE B 92 17.01 11.63 0.72
N GLU B 93 17.88 11.26 1.65
CA GLU B 93 19.17 10.67 1.31
C GLU B 93 19.35 9.25 1.90
N MET B 94 19.63 8.26 1.07
CA MET B 94 20.04 6.95 1.58
C MET B 94 21.56 6.71 1.43
N TYR B 95 22.21 6.14 2.45
CA TYR B 95 23.61 5.72 2.32
C TYR B 95 23.73 4.33 1.70
N ASP B 96 24.95 3.85 1.47
CA ASP B 96 25.06 2.55 0.79
C ASP B 96 24.54 1.45 1.70
N PHE B 97 24.00 0.40 1.08
CA PHE B 97 23.55 -0.80 1.80
C PHE B 97 22.29 -0.60 2.61
N ALA B 98 21.68 0.58 2.50
CA ALA B 98 20.33 0.77 3.01
C ALA B 98 19.35 0.11 2.02
N ASN B 99 18.27 -0.47 2.52
CA ASN B 99 17.19 -1.01 1.69
C ASN B 99 15.87 -0.71 2.37
N ILE B 100 14.83 -0.62 1.55
CA ILE B 100 13.48 -0.34 2.00
C ILE B 100 12.53 -1.33 1.39
N SER B 101 11.61 -1.78 2.21
CA SER B 101 10.76 -2.87 1.84
C SER B 101 9.40 -2.41 1.34
N SER B 102 8.64 -3.33 0.78
CA SER B 102 7.43 -2.96 0.10
C SER B 102 6.50 -2.10 0.93
N ARG B 103 6.00 -1.07 0.24
CA ARG B 103 4.82 -0.34 0.63
C ARG B 103 5.15 0.63 1.71
N THR B 104 6.38 1.15 1.66
CA THR B 104 6.88 2.16 2.57
C THR B 104 6.69 3.59 2.08
N ILE B 105 6.70 4.54 3.00
CA ILE B 105 6.51 5.93 2.59
C ILE B 105 7.53 6.77 3.32
N VAL B 106 8.32 7.52 2.58
CA VAL B 106 9.23 8.44 3.23
C VAL B 106 8.83 9.84 2.82
N TYR B 107 8.59 10.67 3.81
CA TYR B 107 8.19 12.06 3.58
C TYR B 107 9.31 13.00 4.00
N ALA B 108 9.77 13.86 3.11
CA ALA B 108 10.63 14.95 3.57
C ALA B 108 9.80 16.21 3.84
N ALA B 109 8.51 16.19 3.46
CA ALA B 109 7.59 17.29 3.83
C ALA B 109 6.21 16.74 4.15
N ILE B 110 5.51 17.34 5.11
CA ILE B 110 4.18 16.88 5.47
C ILE B 110 3.33 18.02 6.06
N ALA B 111 2.04 17.97 5.79
CA ALA B 111 1.08 19.00 6.18
C ALA B 111 0.83 18.91 7.68
N ASP B 112 0.89 20.05 8.38
CA ASP B 112 0.49 20.06 9.78
C ASP B 112 -0.98 19.63 9.96
N PHE B 113 -1.18 18.65 10.84
CA PHE B 113 -2.48 18.02 11.04
C PHE B 113 -3.29 18.69 12.15
N SER B 114 -2.70 19.68 12.83
CA SER B 114 -3.27 20.08 14.11
C SER B 114 -4.61 20.81 14.02
N GLY B 115 -4.90 21.33 12.84
CA GLY B 115 -6.08 22.17 12.64
C GLY B 115 -5.59 23.61 12.66
N ASN B 116 -4.30 23.82 12.88
CA ASN B 116 -3.68 25.13 12.75
C ASN B 116 -3.44 25.61 11.32
N ALA B 117 -3.83 24.87 10.28
CA ALA B 117 -3.48 25.27 8.92
C ALA B 117 -4.24 24.46 7.91
N LEU B 118 -4.43 24.98 6.72
CA LEU B 118 -5.01 24.21 5.64
C LEU B 118 -3.92 23.29 5.06
N MET B 119 -4.27 22.42 4.12
CA MET B 119 -3.27 21.52 3.54
C MET B 119 -3.48 21.17 2.07
N GLY B 120 -2.44 20.59 1.47
CA GLY B 120 -2.48 20.03 0.13
C GLY B 120 -2.08 20.98 -0.98
N PRO B 121 -1.69 20.47 -2.16
CA PRO B 121 -1.41 21.28 -3.36
C PRO B 121 -2.61 22.04 -3.95
N THR B 122 -3.81 21.72 -3.47
CA THR B 122 -5.00 22.50 -3.81
C THR B 122 -4.93 23.96 -3.32
N ILE B 123 -4.16 24.22 -2.28
CA ILE B 123 -4.22 25.43 -1.46
C ILE B 123 -2.88 26.16 -1.50
N PRO B 124 -2.91 27.50 -1.59
CA PRO B 124 -1.71 28.36 -1.63
C PRO B 124 -0.81 28.26 -0.40
N ASN B 125 0.47 28.53 -0.60
CA ASN B 125 1.49 28.24 0.40
C ASN B 125 1.31 28.88 1.78
N GLN B 126 0.75 30.09 1.77
CA GLN B 126 0.62 30.89 2.98
C GLN B 126 -0.31 30.34 4.06
N TYR B 127 -1.34 29.60 3.64
CA TYR B 127 -2.36 29.02 4.52
C TYR B 127 -1.95 27.69 5.15
N LYS B 128 -0.84 27.15 4.66
CA LYS B 128 -0.32 25.90 5.17
C LYS B 128 0.84 26.18 6.12
N ASN B 129 1.16 25.17 6.92
CA ASN B 129 2.22 25.22 7.90
C ASN B 129 2.99 23.90 7.70
N VAL B 130 3.58 23.78 6.52
CA VAL B 130 4.26 22.56 6.08
C VAL B 130 5.50 22.18 6.92
N LYS B 131 5.50 20.99 7.53
CA LYS B 131 6.71 20.48 8.21
C LYS B 131 7.73 19.86 7.25
N THR B 132 8.97 20.31 7.37
CA THR B 132 10.01 20.02 6.38
C THR B 132 11.36 19.73 7.02
N GLY B 133 12.18 18.89 6.39
CA GLY B 133 13.51 18.53 6.87
C GLY B 133 14.12 17.35 6.14
N LYS B 134 15.42 17.37 5.95
CA LYS B 134 16.12 16.22 5.38
C LYS B 134 15.74 14.87 6.04
N VAL B 135 15.48 13.86 5.20
CA VAL B 135 15.43 12.50 5.74
C VAL B 135 16.72 11.75 5.35
N ILE B 136 17.50 11.29 6.32
CA ILE B 136 18.73 10.56 6.02
C ILE B 136 18.52 9.14 6.51
N LEU B 137 18.69 8.17 5.61
CA LEU B 137 18.85 6.75 5.93
C LEU B 137 20.34 6.37 5.85
N LYS B 138 20.98 6.24 7.01
CA LYS B 138 22.40 5.91 7.04
C LYS B 138 22.73 4.49 6.54
N LYS B 139 23.99 4.10 6.67
CA LYS B 139 24.42 2.82 6.11
C LYS B 139 23.75 1.69 6.87
N HIS B 140 23.60 0.60 6.13
CA HIS B 140 22.92 -0.62 6.57
C HIS B 140 21.52 -0.51 7.13
N VAL B 141 20.87 0.64 6.99
CA VAL B 141 19.49 0.77 7.45
C VAL B 141 18.54 -0.24 6.76
N ILE B 142 17.63 -0.86 7.50
CA ILE B 142 16.60 -1.64 6.81
C ILE B 142 15.24 -1.21 7.37
N ILE B 143 14.41 -0.65 6.50
CA ILE B 143 13.05 -0.26 6.82
C ILE B 143 12.10 -1.40 6.46
N GLY B 144 11.36 -1.91 7.43
CA GLY B 144 10.41 -2.99 7.17
C GLY B 144 9.26 -2.52 6.30
N ALA B 145 8.36 -3.42 5.97
CA ALA B 145 7.34 -3.16 4.98
C ALA B 145 6.17 -2.43 5.57
N HIS B 146 5.51 -1.61 4.76
CA HIS B 146 4.31 -0.89 5.20
C HIS B 146 4.70 0.12 6.26
N SER B 147 5.91 0.66 6.21
CA SER B 147 6.28 1.65 7.23
C SER B 147 6.24 3.07 6.70
N ILE B 148 6.16 4.02 7.64
CA ILE B 148 6.14 5.43 7.33
C ILE B 148 7.22 6.14 8.11
N ILE B 149 8.00 6.95 7.41
CA ILE B 149 9.02 7.77 8.04
C ILE B 149 8.80 9.25 7.74
N PHE B 150 8.92 10.06 8.78
CA PHE B 150 8.52 11.45 8.66
C PHE B 150 9.66 12.39 8.29
N PRO B 151 9.36 13.69 8.15
CA PRO B 151 10.40 14.67 7.86
C PRO B 151 11.34 14.93 9.03
N ASN B 152 12.52 15.47 8.66
CA ASN B 152 13.54 15.95 9.58
C ASN B 152 13.94 14.78 10.48
N VAL B 153 14.20 13.64 9.84
CA VAL B 153 14.43 12.40 10.58
C VAL B 153 15.71 11.70 10.10
N VAL B 154 16.61 11.46 11.04
CA VAL B 154 17.86 10.72 10.74
C VAL B 154 17.67 9.31 11.31
N ILE B 155 17.59 8.32 10.42
CA ILE B 155 17.65 6.92 10.79
C ILE B 155 19.13 6.48 10.88
N GLY B 156 19.54 6.16 12.10
CA GLY B 156 20.93 5.84 12.41
C GLY B 156 21.50 4.59 11.76
N GLU B 157 22.82 4.54 11.76
CA GLU B 157 23.54 3.52 11.02
C GLU B 157 23.14 2.14 11.54
N GLY B 158 22.79 1.28 10.60
CA GLY B 158 22.54 -0.12 10.90
C GLY B 158 21.29 -0.34 11.72
N VAL B 159 20.44 0.68 11.84
CA VAL B 159 19.10 0.50 12.41
C VAL B 159 18.18 -0.29 11.50
N ALA B 160 17.35 -1.14 12.12
CA ALA B 160 16.23 -1.81 11.47
C ALA B 160 14.94 -1.32 12.09
N VAL B 161 14.04 -0.88 11.22
CA VAL B 161 12.71 -0.62 11.75
C VAL B 161 11.85 -1.74 11.20
N GLY B 162 11.05 -2.32 12.09
CA GLY B 162 10.19 -3.41 11.69
C GLY B 162 9.07 -3.01 10.75
N ALA B 163 8.18 -3.96 10.49
CA ALA B 163 7.11 -3.75 9.53
C ALA B 163 6.00 -2.98 10.20
N MET B 164 5.28 -2.18 9.42
CA MET B 164 4.16 -1.43 9.94
C MET B 164 4.59 -0.48 11.05
N SER B 165 5.75 0.13 10.84
CA SER B 165 6.27 0.97 11.90
C SER B 165 6.11 2.41 11.45
N MET B 166 6.03 3.31 12.43
CA MET B 166 5.93 4.74 12.18
C MET B 166 7.03 5.44 12.95
N VAL B 167 7.76 6.29 12.26
CA VAL B 167 8.94 6.95 12.77
C VAL B 167 8.80 8.45 12.53
N LYS B 168 8.81 9.23 13.61
CA LYS B 168 8.64 10.68 13.52
C LYS B 168 9.86 11.45 14.05
N GLU B 169 10.73 10.76 14.77
CA GLU B 169 11.99 11.33 15.28
C GLU B 169 13.18 10.46 14.89
N SER B 170 14.35 11.09 14.95
CA SER B 170 15.61 10.45 14.71
C SER B 170 15.82 9.17 15.52
N LEU B 171 16.46 8.18 14.89
CA LEU B 171 16.69 6.89 15.51
C LEU B 171 18.18 6.58 15.67
N ASP B 172 18.53 6.20 16.90
CA ASP B 172 19.90 5.91 17.26
C ASP B 172 20.46 4.73 16.52
N ASP B 173 21.74 4.82 16.20
CA ASP B 173 22.56 3.76 15.60
C ASP B 173 22.36 2.33 16.14
N TRP B 174 22.36 1.37 15.22
CA TRP B 174 22.39 -0.04 15.58
C TRP B 174 21.31 -0.53 16.56
N TYR B 175 20.04 -0.26 16.27
CA TYR B 175 18.98 -0.87 17.05
C TYR B 175 17.84 -1.33 16.19
N ILE B 176 17.11 -2.30 16.73
CA ILE B 176 15.82 -2.68 16.16
C ILE B 176 14.70 -1.91 16.89
N TYR B 177 13.76 -1.45 16.06
CA TYR B 177 12.64 -0.64 16.47
C TYR B 177 11.31 -1.16 15.92
N VAL B 178 10.28 -1.27 16.75
CA VAL B 178 8.99 -1.59 16.17
C VAL B 178 7.92 -0.64 16.68
N GLY B 179 6.81 -0.52 15.94
CA GLY B 179 5.64 0.09 16.55
C GLY B 179 5.26 1.43 15.99
N VAL B 180 4.18 1.98 16.51
CA VAL B 180 3.49 3.13 15.95
C VAL B 180 3.14 3.90 17.20
N PRO B 181 3.97 4.92 17.53
CA PRO B 181 5.22 5.17 16.81
C PRO B 181 6.30 4.24 17.35
N VAL B 182 7.49 4.28 16.78
CA VAL B 182 8.42 3.19 17.01
C VAL B 182 8.84 3.25 18.45
N ARG B 183 9.11 2.07 19.00
CA ARG B 183 9.83 2.00 20.27
C ARG B 183 11.07 1.15 20.07
N LYS B 184 12.18 1.49 20.73
CA LYS B 184 13.45 0.74 20.72
C LYS B 184 13.26 -0.67 21.30
N ILE B 185 13.57 -1.78 20.61
CA ILE B 185 13.39 -3.08 21.28
C ILE B 185 14.67 -3.89 21.58
N LYS B 186 15.67 -3.81 20.69
CA LYS B 186 16.89 -4.55 20.91
C LYS B 186 18.10 -4.00 20.14
N ALA B 187 19.32 -4.42 20.51
CA ALA B 187 20.43 -4.03 19.67
C ALA B 187 20.33 -4.83 18.37
N ARG B 188 20.71 -4.17 17.28
CA ARG B 188 20.89 -4.73 15.94
C ARG B 188 22.36 -5.10 15.98
N LYS B 189 22.74 -6.25 15.41
CA LYS B 189 24.09 -6.82 15.51
C LYS B 189 24.98 -6.27 14.41
N ARG B 190 26.28 -6.17 14.67
CA ARG B 190 27.14 -5.48 13.71
C ARG B 190 27.95 -6.41 12.80
N LYS B 191 27.64 -7.70 12.87
CA LYS B 191 28.27 -8.70 12.02
C LYS B 191 28.29 -8.14 10.61
N ILE B 192 27.13 -7.62 10.26
CA ILE B 192 26.87 -7.04 8.96
C ILE B 192 28.02 -6.14 8.49
N VAL B 193 28.76 -5.51 9.42
CA VAL B 193 29.86 -4.67 9.01
C VAL B 193 31.07 -5.49 8.52
N GLU B 194 31.30 -6.63 9.15
CA GLU B 194 32.41 -7.45 8.69
C GLU B 194 32.05 -7.99 7.32
N LEU B 195 30.86 -8.60 7.23
CA LEU B 195 30.36 -9.04 5.94
C LEU B 195 30.57 -7.96 4.87
N GLU B 196 30.28 -6.72 5.22
CA GLU B 196 30.39 -5.65 4.24
C GLU B 196 31.81 -5.65 3.74
N ASN B 197 32.76 -5.53 4.68
CA ASN B 197 34.18 -5.44 4.35
C ASN B 197 34.66 -6.58 3.48
N GLU B 198 34.20 -7.79 3.82
CA GLU B 198 34.51 -9.05 3.11
C GLU B 198 34.07 -9.07 1.64
N PHE B 199 32.90 -8.49 1.40
CA PHE B 199 32.34 -8.34 0.07
C PHE B 199 33.12 -7.30 -0.76
N LEU B 200 33.48 -6.21 -0.09
CA LEU B 200 34.23 -5.13 -0.72
C LEU B 200 35.65 -5.53 -1.11
N LYS B 201 36.32 -6.29 -0.25
CA LYS B 201 37.63 -6.89 -0.53
C LYS B 201 37.51 -7.90 -1.66
N SER B 202 36.59 -8.85 -1.54
CA SER B 202 36.36 -9.84 -2.58
C SER B 202 36.12 -9.17 -3.93
N MET B 203 35.85 -7.88 -3.94
CA MET B 203 35.72 -7.12 -5.18
C MET B 203 37.07 -6.80 -5.82
N ASN B 204 38.08 -6.54 -4.99
CA ASN B 204 39.43 -6.12 -5.37
C ASN B 204 40.39 -7.22 -5.84
N SER B 205 40.57 -8.21 -4.96
CA SER B 205 41.43 -9.37 -5.18
C SER B 205 40.64 -10.59 -5.66
N MET C 18 -16.41 -0.29 -18.67
CA MET C 18 -14.98 -0.70 -18.67
C MET C 18 -14.46 -1.45 -17.42
N ASN C 19 -13.64 -2.48 -17.71
CA ASN C 19 -12.74 -3.17 -16.78
C ASN C 19 -11.33 -3.42 -17.36
N SER C 20 -10.34 -3.64 -16.49
CA SER C 20 -8.95 -3.79 -16.94
C SER C 20 -8.53 -5.24 -17.21
N PHE C 21 -9.49 -6.15 -17.26
CA PHE C 21 -9.14 -7.58 -17.32
C PHE C 21 -8.76 -8.14 -18.67
N TYR C 22 -7.95 -9.19 -18.68
CA TYR C 22 -7.64 -9.92 -19.89
C TYR C 22 -8.87 -10.64 -20.42
N SER C 23 -8.95 -10.64 -21.74
CA SER C 23 -9.79 -11.58 -22.47
C SER C 23 -9.10 -12.95 -22.39
N GLN C 24 -9.87 -14.03 -22.32
CA GLN C 24 -9.35 -15.39 -22.31
C GLN C 24 -8.33 -15.60 -23.40
N GLU C 25 -8.50 -14.87 -24.51
CA GLU C 25 -7.54 -14.85 -25.61
C GLU C 25 -6.15 -14.55 -25.05
N GLU C 26 -6.03 -13.35 -24.50
CA GLU C 26 -4.75 -12.83 -24.06
C GLU C 26 -4.18 -13.67 -22.93
N LEU C 27 -5.03 -14.10 -22.01
CA LEU C 27 -4.65 -14.94 -20.88
C LEU C 27 -3.64 -16.05 -21.24
N LYS C 28 -4.05 -16.89 -22.17
CA LYS C 28 -3.24 -18.00 -22.66
C LYS C 28 -1.89 -17.63 -23.26
N LYS C 29 -1.76 -16.43 -23.83
CA LYS C 29 -0.48 -15.95 -24.37
C LYS C 29 0.45 -15.40 -23.28
N ILE C 30 0.12 -15.73 -22.04
CA ILE C 30 0.94 -15.38 -20.89
C ILE C 30 1.59 -16.69 -20.48
N GLY C 31 0.82 -17.77 -20.53
CA GLY C 31 1.36 -19.10 -20.31
C GLY C 31 1.77 -19.35 -18.88
N PHE C 32 0.75 -19.69 -18.09
CA PHE C 32 0.87 -20.11 -16.71
C PHE C 32 1.08 -21.61 -16.62
N LEU C 33 1.89 -22.08 -15.67
CA LEU C 33 1.94 -23.51 -15.39
C LEU C 33 0.55 -24.13 -15.58
N SER C 34 -0.50 -23.32 -15.44
CA SER C 34 -1.90 -23.72 -15.64
C SER C 34 -2.89 -22.60 -15.27
N VAL C 35 -4.07 -22.59 -15.88
CA VAL C 35 -5.05 -21.51 -15.69
C VAL C 35 -6.53 -21.82 -16.04
N GLY C 36 -7.39 -22.08 -15.05
CA GLY C 36 -8.80 -22.39 -15.29
C GLY C 36 -9.69 -21.43 -16.06
N LYS C 37 -10.99 -21.46 -15.76
CA LYS C 37 -11.96 -20.63 -16.48
C LYS C 37 -12.78 -19.72 -15.56
N ASN C 38 -13.30 -18.65 -16.15
CA ASN C 38 -13.82 -17.47 -15.45
C ASN C 38 -12.78 -16.88 -14.50
N VAL C 39 -11.64 -16.48 -15.09
CA VAL C 39 -10.43 -16.06 -14.40
C VAL C 39 -10.08 -14.65 -14.84
N LEU C 40 -10.38 -13.67 -13.99
CA LEU C 40 -10.17 -12.29 -14.37
C LEU C 40 -8.94 -11.80 -13.66
N ILE C 41 -7.99 -11.33 -14.46
CA ILE C 41 -6.75 -10.74 -13.99
C ILE C 41 -6.54 -9.37 -14.62
N SER C 42 -6.40 -8.33 -13.81
CA SER C 42 -6.14 -7.01 -14.35
C SER C 42 -4.86 -6.99 -15.16
N LYS C 43 -4.88 -6.21 -16.25
CA LYS C 43 -3.70 -5.83 -17.01
C LYS C 43 -2.85 -4.87 -16.20
N LYS C 44 -3.36 -4.39 -15.07
CA LYS C 44 -2.56 -3.42 -14.32
C LYS C 44 -1.81 -4.11 -13.20
N ALA C 45 -2.10 -5.41 -13.06
CA ALA C 45 -1.31 -6.33 -12.23
C ALA C 45 0.00 -6.69 -12.93
N SER C 46 0.91 -7.31 -12.17
CA SER C 46 2.25 -7.67 -12.65
C SER C 46 2.44 -9.16 -12.41
N ILE C 47 2.50 -9.94 -13.48
CA ILE C 47 2.78 -11.35 -13.31
C ILE C 47 4.20 -11.65 -13.79
N TYR C 48 5.04 -12.10 -12.86
CA TYR C 48 6.40 -12.51 -13.19
C TYR C 48 6.50 -13.99 -12.94
N ASN C 49 7.14 -14.67 -13.90
CA ASN C 49 7.43 -16.10 -13.79
C ASN C 49 6.16 -16.94 -14.03
N PRO C 50 5.37 -16.60 -15.06
CA PRO C 50 4.01 -17.17 -15.10
C PRO C 50 3.96 -18.68 -15.05
N GLY C 51 4.93 -19.32 -15.73
CA GLY C 51 5.12 -20.75 -15.67
C GLY C 51 5.35 -21.38 -14.31
N VAL C 52 5.39 -20.61 -13.23
CA VAL C 52 5.40 -21.28 -11.92
C VAL C 52 4.10 -21.07 -11.16
N ILE C 53 3.16 -20.43 -11.85
CA ILE C 53 1.86 -20.17 -11.29
C ILE C 53 0.74 -21.00 -11.96
N SER C 54 0.04 -21.73 -11.12
CA SER C 54 -1.18 -22.36 -11.52
C SER C 54 -2.36 -21.63 -10.87
N ILE C 55 -3.49 -21.61 -11.58
CA ILE C 55 -4.64 -20.82 -11.19
C ILE C 55 -5.89 -21.64 -11.54
N GLY C 56 -6.75 -21.87 -10.56
CA GLY C 56 -8.01 -22.59 -10.74
C GLY C 56 -9.09 -21.79 -11.44
N ASN C 57 -10.34 -22.06 -11.07
CA ASN C 57 -11.48 -21.47 -11.76
C ASN C 57 -12.19 -20.45 -10.85
N ASN C 58 -12.83 -19.45 -11.48
CA ASN C 58 -13.47 -18.35 -10.75
C ASN C 58 -12.47 -17.66 -9.81
N VAL C 59 -11.55 -16.93 -10.42
CA VAL C 59 -10.51 -16.27 -9.69
C VAL C 59 -10.34 -14.88 -10.29
N ARG C 60 -10.09 -13.94 -9.40
CA ARG C 60 -9.97 -12.56 -9.79
C ARG C 60 -8.78 -11.94 -9.08
N ILE C 61 -7.94 -11.32 -9.91
CA ILE C 61 -6.81 -10.53 -9.44
C ILE C 61 -6.91 -9.07 -9.90
N ASP C 62 -6.81 -8.08 -9.00
CA ASP C 62 -7.15 -6.71 -9.37
C ASP C 62 -5.93 -5.84 -9.70
N ASP C 63 -6.16 -4.58 -10.06
CA ASP C 63 -5.06 -3.70 -10.46
C ASP C 63 -3.91 -3.71 -9.45
N PHE C 64 -2.71 -3.44 -9.93
CA PHE C 64 -1.55 -3.17 -9.10
C PHE C 64 -1.04 -4.30 -8.20
N CYS C 65 -1.58 -5.50 -8.39
CA CYS C 65 -1.12 -6.68 -7.70
C CYS C 65 0.21 -7.13 -8.29
N ILE C 66 0.94 -7.95 -7.56
CA ILE C 66 2.18 -8.53 -8.08
C ILE C 66 2.12 -10.01 -7.72
N LEU C 67 2.17 -10.84 -8.75
CA LEU C 67 2.42 -12.25 -8.50
C LEU C 67 3.87 -12.47 -8.88
N SER C 68 4.61 -13.16 -8.03
CA SER C 68 6.00 -13.42 -8.36
C SER C 68 6.39 -14.83 -7.98
N GLY C 69 6.77 -15.58 -9.02
CA GLY C 69 7.33 -16.92 -8.89
C GLY C 69 6.31 -17.93 -8.43
N LYS C 70 6.60 -18.60 -7.32
CA LYS C 70 5.82 -19.79 -7.04
C LYS C 70 4.48 -19.53 -6.37
N VAL C 71 3.45 -19.57 -7.20
CA VAL C 71 2.13 -19.22 -6.73
C VAL C 71 1.12 -20.24 -7.24
N THR C 72 0.39 -20.80 -6.29
CA THR C 72 -0.65 -21.75 -6.61
C THR C 72 -1.96 -21.29 -6.02
N ILE C 73 -2.91 -20.97 -6.91
CA ILE C 73 -4.21 -20.50 -6.47
C ILE C 73 -5.32 -21.44 -6.88
N GLY C 74 -6.16 -21.79 -5.92
CA GLY C 74 -7.24 -22.68 -6.22
C GLY C 74 -8.37 -21.98 -6.91
N SER C 75 -9.57 -22.38 -6.53
CA SER C 75 -10.81 -22.01 -7.20
C SER C 75 -11.62 -21.16 -6.24
N TYR C 76 -12.26 -20.15 -6.84
CA TYR C 76 -13.22 -19.27 -6.16
C TYR C 76 -12.49 -18.31 -5.23
N SER C 77 -11.50 -17.59 -5.76
CA SER C 77 -10.69 -16.71 -4.92
C SER C 77 -10.52 -15.29 -5.43
N HIS C 78 -10.81 -14.32 -4.57
CA HIS C 78 -10.44 -12.95 -4.85
C HIS C 78 -9.07 -12.55 -4.27
N ILE C 79 -8.17 -12.05 -5.13
CA ILE C 79 -6.98 -11.35 -4.66
C ILE C 79 -7.12 -9.86 -4.95
N ALA C 80 -7.50 -9.07 -3.94
CA ALA C 80 -7.76 -7.63 -4.07
C ALA C 80 -6.55 -6.78 -4.45
N ALA C 81 -6.81 -5.55 -4.91
CA ALA C 81 -5.77 -4.70 -5.48
C ALA C 81 -4.65 -4.39 -4.51
N TYR C 82 -3.50 -4.07 -5.08
CA TYR C 82 -2.21 -3.87 -4.45
C TYR C 82 -1.60 -5.08 -3.74
N THR C 83 -2.20 -6.26 -3.89
CA THR C 83 -1.69 -7.39 -3.15
C THR C 83 -0.45 -7.93 -3.86
N ALA C 84 0.55 -8.22 -3.05
CA ALA C 84 1.77 -8.81 -3.56
C ALA C 84 1.94 -10.24 -3.01
N LEU C 85 2.00 -11.21 -3.92
CA LEU C 85 2.40 -12.55 -3.51
C LEU C 85 3.80 -12.89 -4.04
N TYR C 86 4.79 -12.88 -3.15
CA TYR C 86 6.14 -13.27 -3.53
C TYR C 86 6.37 -14.68 -3.01
N GLY C 87 6.30 -15.65 -3.93
CA GLY C 87 6.44 -17.06 -3.60
C GLY C 87 7.81 -17.62 -3.94
N GLY C 88 8.69 -16.75 -4.42
CA GLY C 88 10.02 -17.18 -4.89
C GLY C 88 10.06 -18.63 -5.36
N GLU C 89 10.85 -19.44 -4.65
CA GLU C 89 11.02 -20.86 -5.00
C GLU C 89 10.15 -21.86 -4.26
N VAL C 90 10.04 -21.75 -2.93
CA VAL C 90 9.14 -22.60 -2.12
C VAL C 90 7.63 -22.45 -2.42
N GLY C 91 7.24 -21.25 -2.83
CA GLY C 91 5.87 -20.96 -3.22
C GLY C 91 4.84 -20.66 -2.14
N ILE C 92 3.77 -20.04 -2.66
CA ILE C 92 2.56 -19.80 -1.92
C ILE C 92 1.47 -20.65 -2.55
N GLU C 93 0.66 -21.18 -1.67
CA GLU C 93 -0.43 -22.06 -2.06
C GLU C 93 -1.65 -21.58 -1.27
N MET C 94 -2.77 -21.50 -1.98
CA MET C 94 -4.04 -21.06 -1.42
C MET C 94 -5.10 -22.03 -1.90
N TYR C 95 -5.92 -22.51 -0.97
CA TYR C 95 -6.97 -23.40 -1.39
C TYR C 95 -8.16 -22.71 -2.06
N ASP C 96 -9.29 -23.38 -2.06
CA ASP C 96 -10.50 -22.81 -2.62
C ASP C 96 -11.15 -21.95 -1.57
N PHE C 97 -11.83 -20.93 -2.06
CA PHE C 97 -12.67 -20.12 -1.21
C PHE C 97 -11.82 -19.35 -0.20
N ALA C 98 -10.53 -19.25 -0.43
CA ALA C 98 -9.66 -18.45 0.40
C ALA C 98 -9.59 -17.08 -0.28
N ASN C 99 -9.60 -16.00 0.49
CA ASN C 99 -9.53 -14.67 -0.11
C ASN C 99 -8.57 -13.69 0.52
N ILE C 100 -8.06 -12.78 -0.30
CA ILE C 100 -7.13 -11.81 0.23
C ILE C 100 -7.58 -10.40 -0.12
N SER C 101 -7.86 -9.63 0.94
CA SER C 101 -8.18 -8.21 0.84
C SER C 101 -7.02 -7.39 0.32
N SER C 102 -7.34 -6.16 -0.08
CA SER C 102 -6.41 -5.22 -0.68
C SER C 102 -5.14 -5.02 0.08
N ARG C 103 -4.06 -4.79 -0.68
CA ARG C 103 -2.81 -4.28 -0.12
C ARG C 103 -2.15 -5.23 0.86
N THR C 104 -2.23 -6.54 0.66
CA THR C 104 -1.56 -7.52 1.50
C THR C 104 -0.20 -7.99 0.92
N ILE C 105 0.71 -8.44 1.79
CA ILE C 105 1.88 -9.20 1.32
C ILE C 105 1.97 -10.57 1.98
N VAL C 106 2.03 -11.59 1.14
CA VAL C 106 2.43 -12.90 1.61
C VAL C 106 3.86 -13.06 1.12
N TYR C 107 4.76 -13.31 2.08
CA TYR C 107 6.17 -13.53 1.82
C TYR C 107 6.57 -15.01 2.01
N ALA C 108 7.12 -15.63 0.98
CA ALA C 108 7.58 -17.03 1.12
C ALA C 108 9.05 -17.06 1.53
N ALA C 109 9.69 -15.89 1.50
CA ALA C 109 11.10 -15.69 1.80
C ALA C 109 11.27 -14.28 2.34
N ILE C 110 11.95 -14.13 3.46
CA ILE C 110 12.21 -12.81 4.04
C ILE C 110 13.63 -12.67 4.52
N ALA C 111 14.18 -11.47 4.43
CA ALA C 111 15.57 -11.21 4.83
C ALA C 111 15.73 -11.29 6.34
N ASP C 112 16.96 -11.61 6.74
CA ASP C 112 17.36 -11.60 8.15
C ASP C 112 17.60 -10.15 8.56
N PHE C 113 16.77 -9.73 9.50
CA PHE C 113 16.89 -8.38 9.99
C PHE C 113 17.85 -8.18 11.16
N SER C 114 18.60 -9.20 11.59
CA SER C 114 19.15 -9.17 12.95
C SER C 114 20.37 -8.29 13.13
N GLY C 115 21.05 -8.06 12.01
CA GLY C 115 22.41 -7.53 12.03
C GLY C 115 23.41 -8.59 11.59
N ASN C 116 22.97 -9.83 11.41
CA ASN C 116 23.90 -10.92 11.08
C ASN C 116 24.03 -11.16 9.59
N ALA C 117 23.42 -10.35 8.74
CA ALA C 117 23.47 -10.63 7.29
C ALA C 117 23.24 -9.44 6.36
N LEU C 118 23.87 -9.48 5.20
CA LEU C 118 23.51 -8.56 4.11
C LEU C 118 22.12 -8.98 3.59
N MET C 119 21.50 -8.17 2.72
CA MET C 119 20.15 -8.46 2.20
C MET C 119 19.76 -7.96 0.81
N GLY C 120 18.69 -8.55 0.28
CA GLY C 120 18.05 -8.15 -0.97
C GLY C 120 18.83 -8.52 -2.21
N PRO C 121 18.36 -8.12 -3.39
CA PRO C 121 18.91 -8.56 -4.69
C PRO C 121 20.17 -7.86 -5.19
N THR C 122 20.66 -6.87 -4.46
CA THR C 122 21.94 -6.23 -4.79
C THR C 122 23.19 -6.95 -4.23
N ILE C 123 22.97 -8.08 -3.54
CA ILE C 123 23.99 -8.86 -2.83
C ILE C 123 24.06 -10.38 -3.09
N PRO C 124 25.27 -10.92 -3.31
CA PRO C 124 25.55 -12.35 -3.28
C PRO C 124 25.03 -13.10 -2.07
N ASN C 125 24.62 -14.34 -2.30
CA ASN C 125 23.81 -15.13 -1.38
C ASN C 125 24.57 -15.64 -0.16
N GLN C 126 25.87 -15.82 -0.33
CA GLN C 126 26.78 -16.16 0.77
C GLN C 126 26.68 -15.23 1.98
N TYR C 127 26.63 -13.92 1.72
CA TYR C 127 26.51 -12.87 2.74
C TYR C 127 25.09 -12.73 3.29
N LYS C 128 24.19 -13.60 2.82
CA LYS C 128 22.77 -13.56 3.17
C LYS C 128 22.34 -14.75 4.03
N ASN C 129 21.21 -14.55 4.72
CA ASN C 129 20.63 -15.55 5.58
C ASN C 129 19.11 -15.62 5.36
N VAL C 130 18.72 -15.69 4.09
CA VAL C 130 17.31 -15.77 3.71
C VAL C 130 16.41 -16.71 4.51
N LYS C 131 15.56 -16.23 5.42
CA LYS C 131 14.57 -17.15 5.97
C LYS C 131 13.44 -17.43 4.98
N THR C 132 13.44 -18.65 4.48
CA THR C 132 12.45 -19.14 3.54
C THR C 132 11.51 -20.19 4.14
N GLY C 133 10.40 -20.44 3.45
CA GLY C 133 9.44 -21.41 3.93
C GLY C 133 8.09 -21.17 3.30
N LYS C 134 7.62 -22.15 2.54
CA LYS C 134 6.25 -22.24 2.06
C LYS C 134 5.16 -21.66 2.94
N VAL C 135 4.21 -21.00 2.26
CA VAL C 135 3.06 -20.37 2.92
C VAL C 135 1.80 -21.00 2.35
N ILE C 136 0.97 -21.52 3.24
CA ILE C 136 -0.29 -22.08 2.83
C ILE C 136 -1.44 -21.40 3.55
N LEU C 137 -2.47 -21.08 2.77
CA LEU C 137 -3.78 -20.57 3.20
C LEU C 137 -4.87 -21.57 2.83
N LYS C 138 -5.50 -22.14 3.86
CA LYS C 138 -6.36 -23.30 3.66
C LYS C 138 -7.77 -22.94 3.22
N LYS C 139 -8.67 -23.89 3.02
CA LYS C 139 -9.97 -23.48 2.50
C LYS C 139 -10.47 -22.39 3.48
N HIS C 140 -11.14 -21.43 2.87
CA HIS C 140 -11.93 -20.40 3.54
C HIS C 140 -11.18 -19.36 4.37
N VAL C 141 -9.88 -19.27 4.12
CA VAL C 141 -9.07 -18.31 4.84
C VAL C 141 -9.47 -16.96 4.27
N ILE C 142 -9.46 -15.95 5.12
CA ILE C 142 -9.66 -14.60 4.62
C ILE C 142 -8.62 -13.72 5.31
N ILE C 143 -7.76 -13.12 4.50
CA ILE C 143 -6.86 -12.07 4.99
C ILE C 143 -7.46 -10.69 4.72
N GLY C 144 -7.41 -9.82 5.72
CA GLY C 144 -8.05 -8.51 5.72
C GLY C 144 -6.99 -7.57 5.20
N ALA C 145 -7.33 -6.31 4.96
CA ALA C 145 -6.51 -5.49 4.08
C ALA C 145 -5.35 -4.95 4.86
N HIS C 146 -4.30 -4.66 4.13
CA HIS C 146 -3.08 -4.11 4.71
C HIS C 146 -2.40 -5.14 5.61
N SER C 147 -2.56 -6.44 5.35
CA SER C 147 -1.88 -7.46 6.14
C SER C 147 -0.56 -8.06 5.62
N ILE C 148 0.27 -8.54 6.54
CA ILE C 148 1.49 -9.24 6.14
C ILE C 148 1.53 -10.66 6.70
N ILE C 149 1.93 -11.61 5.84
CA ILE C 149 2.12 -13.01 6.21
C ILE C 149 3.59 -13.33 6.00
N PHE C 150 4.33 -13.76 7.03
CA PHE C 150 5.72 -14.13 6.77
C PHE C 150 5.93 -15.58 6.33
N PRO C 151 7.19 -15.97 6.09
CA PRO C 151 7.26 -17.32 5.54
C PRO C 151 7.02 -18.48 6.55
N ASN C 152 6.81 -19.66 5.96
CA ASN C 152 6.67 -20.89 6.73
C ASN C 152 5.44 -20.90 7.66
N VAL C 153 4.31 -20.60 7.04
CA VAL C 153 3.12 -20.33 7.83
C VAL C 153 2.01 -21.12 7.20
N VAL C 154 1.27 -21.76 8.10
CA VAL C 154 0.05 -22.39 7.70
C VAL C 154 -1.11 -21.65 8.32
N ILE C 155 -1.88 -21.01 7.45
CA ILE C 155 -3.08 -20.33 7.88
C ILE C 155 -4.15 -21.41 7.75
N GLY C 156 -4.55 -21.92 8.91
CA GLY C 156 -5.49 -23.03 9.03
C GLY C 156 -6.78 -22.87 8.26
N GLU C 157 -7.52 -23.95 8.03
CA GLU C 157 -8.76 -23.67 7.35
C GLU C 157 -9.68 -22.79 8.21
N GLY C 158 -10.37 -21.87 7.56
CA GLY C 158 -11.48 -21.11 8.11
C GLY C 158 -11.00 -19.89 8.87
N VAL C 159 -9.68 -19.72 8.89
CA VAL C 159 -9.06 -18.62 9.63
C VAL C 159 -9.35 -17.26 8.98
N ALA C 160 -9.83 -16.34 9.81
CA ALA C 160 -9.94 -14.95 9.44
C ALA C 160 -8.92 -14.20 10.26
N VAL C 161 -8.11 -13.44 9.53
CA VAL C 161 -7.18 -12.46 10.04
C VAL C 161 -7.61 -11.00 9.74
N GLY C 162 -7.69 -10.18 10.78
CA GLY C 162 -8.15 -8.80 10.70
C GLY C 162 -7.29 -8.00 9.76
N ALA C 163 -7.83 -6.86 9.31
CA ALA C 163 -7.09 -5.87 8.55
C ALA C 163 -5.94 -5.37 9.43
N MET C 164 -4.82 -5.01 8.79
CA MET C 164 -3.64 -4.43 9.42
C MET C 164 -3.04 -5.37 10.42
N SER C 165 -3.19 -6.66 10.16
CA SER C 165 -2.55 -7.70 10.97
C SER C 165 -1.26 -8.27 10.37
N MET C 166 -0.40 -8.80 11.24
CA MET C 166 0.91 -9.37 10.89
C MET C 166 1.05 -10.79 11.44
N VAL C 167 1.40 -11.70 10.54
CA VAL C 167 1.38 -13.11 10.88
C VAL C 167 2.73 -13.80 10.68
N LYS C 168 3.32 -14.25 11.78
CA LYS C 168 4.62 -14.93 11.79
C LYS C 168 4.51 -16.43 12.03
N GLU C 169 3.77 -16.83 13.06
CA GLU C 169 3.42 -18.21 13.39
C GLU C 169 2.30 -18.77 12.49
N SER C 170 2.30 -20.04 12.14
CA SER C 170 1.05 -20.67 11.70
C SER C 170 -0.10 -20.47 12.68
N LEU C 171 -1.32 -20.67 12.19
CA LEU C 171 -2.56 -20.29 12.90
C LEU C 171 -3.64 -21.33 12.87
N ASP C 172 -4.23 -21.53 14.05
CA ASP C 172 -5.31 -22.49 14.28
C ASP C 172 -6.60 -22.31 13.46
N ASP C 173 -7.01 -23.34 12.74
CA ASP C 173 -8.35 -23.51 12.17
C ASP C 173 -9.52 -22.77 12.85
N TRP C 174 -10.32 -22.12 12.02
CA TRP C 174 -11.56 -21.52 12.48
C TRP C 174 -11.46 -20.50 13.61
N TYR C 175 -10.32 -19.82 13.66
CA TYR C 175 -10.23 -18.68 14.58
C TYR C 175 -10.01 -17.28 13.96
N ILE C 176 -10.35 -16.28 14.76
CA ILE C 176 -10.14 -14.89 14.40
C ILE C 176 -8.98 -14.26 15.17
N TYR C 177 -8.06 -13.76 14.38
CA TYR C 177 -6.82 -13.15 14.85
C TYR C 177 -6.69 -11.70 14.43
N VAL C 178 -6.05 -10.91 15.27
CA VAL C 178 -5.93 -9.48 14.98
C VAL C 178 -4.68 -8.97 15.67
N GLY C 179 -4.02 -7.98 15.09
CA GLY C 179 -2.90 -7.31 15.73
C GLY C 179 -1.58 -7.56 15.02
N VAL C 180 -0.53 -7.00 15.64
CA VAL C 180 0.82 -7.03 15.10
C VAL C 180 1.69 -7.30 16.31
N PRO C 181 2.12 -8.56 16.48
CA PRO C 181 1.83 -9.71 15.63
C PRO C 181 0.45 -10.19 16.05
N VAL C 182 -0.25 -11.00 15.25
CA VAL C 182 -1.62 -11.37 15.62
C VAL C 182 -1.73 -12.12 16.95
N ARG C 183 -2.93 -12.06 17.51
CA ARG C 183 -3.34 -12.80 18.67
C ARG C 183 -4.77 -13.25 18.48
N LYS C 184 -5.12 -14.30 19.20
CA LYS C 184 -6.36 -15.03 18.96
C LYS C 184 -7.44 -14.28 19.69
N ILE C 185 -8.57 -14.00 19.07
CA ILE C 185 -9.56 -13.24 19.86
C ILE C 185 -10.93 -13.90 19.92
N LYS C 186 -11.24 -14.78 18.98
CA LYS C 186 -12.51 -15.47 19.05
C LYS C 186 -12.65 -16.52 17.95
N ALA C 187 -13.55 -17.47 18.18
CA ALA C 187 -13.82 -18.51 17.20
C ALA C 187 -14.57 -17.95 16.02
N ARG C 188 -14.16 -18.32 14.81
CA ARG C 188 -14.98 -18.09 13.61
C ARG C 188 -16.16 -19.09 13.50
N LYS C 189 -17.32 -18.61 13.05
CA LYS C 189 -18.47 -19.48 12.79
C LYS C 189 -18.20 -20.46 11.65
N ARG C 190 -18.86 -21.62 11.68
CA ARG C 190 -18.58 -22.67 10.68
C ARG C 190 -19.72 -22.84 9.68
N LYS C 191 -20.79 -22.08 9.90
CA LYS C 191 -21.89 -22.03 8.96
C LYS C 191 -21.51 -21.94 7.48
N ILE C 192 -20.33 -21.42 7.15
CA ILE C 192 -19.87 -21.36 5.76
C ILE C 192 -19.60 -22.72 5.14
N VAL C 193 -19.34 -23.69 6.03
CA VAL C 193 -19.33 -25.12 5.70
C VAL C 193 -20.63 -25.49 4.98
N GLU C 194 -21.79 -25.30 5.64
CA GLU C 194 -23.11 -25.59 5.09
C GLU C 194 -23.40 -24.91 3.76
N LEU C 195 -22.88 -23.70 3.63
CA LEU C 195 -23.15 -22.83 2.48
C LEU C 195 -22.32 -23.25 1.30
N GLU C 196 -21.16 -23.80 1.60
CA GLU C 196 -20.33 -24.38 0.57
C GLU C 196 -21.15 -25.48 -0.05
N ASN C 197 -21.66 -26.33 0.85
CA ASN C 197 -22.44 -27.49 0.47
C ASN C 197 -23.68 -27.01 -0.29
N GLU C 198 -24.51 -26.23 0.42
CA GLU C 198 -25.74 -25.73 -0.17
C GLU C 198 -25.40 -25.30 -1.61
N PHE C 199 -24.23 -24.68 -1.78
CA PHE C 199 -23.86 -23.97 -3.01
C PHE C 199 -23.29 -24.83 -4.13
N LEU C 200 -22.47 -25.79 -3.76
CA LEU C 200 -21.93 -26.65 -4.79
C LEU C 200 -23.09 -27.57 -5.20
N LYS C 201 -23.86 -27.98 -4.20
CA LYS C 201 -25.08 -28.77 -4.36
C LYS C 201 -25.88 -28.35 -5.60
N SER C 202 -26.31 -27.10 -5.64
CA SER C 202 -27.04 -26.59 -6.80
C SER C 202 -26.12 -26.19 -7.96
N MET C 203 -25.27 -27.10 -8.40
CA MET C 203 -24.64 -26.94 -9.71
C MET C 203 -24.59 -28.27 -10.44
N1A COA D . -6.46 -5.07 14.49
C2A COA D . -6.18 -4.93 15.80
N3A COA D . -7.15 -5.08 16.72
C4A COA D . -8.40 -5.33 16.28
C5A COA D . -8.73 -5.45 14.93
C6A COA D . -7.70 -5.33 14.03
N6A COA D . -7.86 -5.44 12.69
N7A COA D . -10.06 -5.67 14.85
C8A COA D . -10.53 -5.69 16.12
N9A COA D . -9.50 -5.47 16.95
C1B COA D . -9.47 -5.43 18.42
C2B COA D . -10.48 -4.45 18.97
O2B COA D . -9.85 -3.40 19.68
C3B COA D . -11.20 -5.26 20.02
O3B COA D . -10.25 -5.22 21.07
P3B COA D . -10.64 -5.64 22.57
O7A COA D . -12.02 -5.01 22.72
O8A COA D . -10.66 -7.16 22.54
O9A COA D . -9.57 -5.01 23.46
C4B COA D . -11.11 -6.70 19.54
O4B COA D . -9.97 -6.75 18.67
C5B COA D . -12.43 -7.26 18.99
O5B COA D . -12.87 -6.42 17.93
P1A COA D . -14.45 -6.24 17.59
O1A COA D . -14.45 -5.15 16.54
O2A COA D . -15.24 -6.03 18.85
O3A COA D . -14.77 -7.66 16.86
P2A COA D . -15.39 -7.75 15.38
O4A COA D . -15.71 -9.18 15.02
O5A COA D . -16.52 -6.76 15.31
O6A COA D . -14.22 -7.27 14.37
CBP COA D . -12.81 -8.00 12.48
CCP COA D . -13.24 -8.20 13.92
CDP COA D . -11.55 -8.84 12.44
CEP COA D . -13.82 -8.62 11.52
CAP COA D . -12.58 -6.52 12.09
OAP COA D . -12.26 -5.69 13.22
C9P COA D . -11.51 -6.39 11.03
O9P COA D . -10.33 -6.19 11.29
N8P COA D . -11.93 -6.58 9.79
C7P COA D . -11.13 -6.58 8.57
C6P COA D . -12.09 -6.28 7.41
C5P COA D . -11.28 -6.08 6.15
O5P COA D . -10.06 -6.15 6.15
N4P COA D . -11.99 -5.85 5.05
C3P COA D . -11.50 -5.64 3.69
C2P COA D . -12.71 -5.50 2.77
S1P COA D . -13.59 -7.06 2.48
PA TYD E . 4.37 16.14 -5.21
O1A TYD E . 5.31 14.97 -5.35
O2A TYD E . 2.95 15.78 -4.86
O3A TYD E . 4.91 17.20 -4.11
PB TYD E . 4.29 18.66 -3.80
O1B TYD E . 5.45 19.64 -3.88
O2B TYD E . 3.68 18.47 -2.42
O3B TYD E . 3.26 18.88 -4.90
O5' TYD E . 4.51 17.00 -6.57
C5' TYD E . 5.54 16.84 -7.55
C4' TYD E . 4.96 16.94 -8.98
O4' TYD E . 5.05 15.69 -9.65
C3' TYD E . 3.50 17.40 -9.06
O3' TYD E . 3.31 18.79 -9.36
C2' TYD E . 2.88 16.51 -10.12
C1' TYD E . 3.82 15.32 -10.27
N1 TYD E . 3.17 14.12 -9.68
C2 TYD E . 2.36 13.37 -10.46
O2 TYD E . 2.15 13.66 -11.67
N3 TYD E . 1.74 12.27 -9.96
C4 TYD E . 1.89 11.88 -8.68
O4 TYD E . 1.26 10.86 -8.32
C5 TYD E . 2.72 12.63 -7.86
C5M TYD E . 2.95 12.27 -6.41
C6 TYD E . 3.34 13.76 -8.39
CL CL F . -0.02 0.20 -1.84
N1A COA G . -1.32 5.71 15.39
C2A COA G . -1.42 5.33 16.68
N3A COA G . -1.03 6.14 17.68
C4A COA G . -0.53 7.38 17.43
C5A COA G . -0.39 7.81 16.11
C6A COA G . -0.81 6.95 15.09
N6A COA G . -0.71 7.31 13.79
N7A COA G . 0.13 9.05 16.17
C8A COA G . 0.32 9.40 17.46
N9A COA G . -0.06 8.36 18.20
C1B COA G . -0.12 8.28 19.65
C2B COA G . 1.19 8.43 20.38
O2B COA G . 1.56 7.10 20.73
C3B COA G . 0.75 9.12 21.66
O3B COA G . 0.28 8.11 22.57
P3B COA G . 0.05 8.31 24.16
O7A COA G . 1.48 8.64 24.55
O8A COA G . -0.97 9.43 24.27
O9A COA G . -0.46 6.95 24.62
C4B COA G . -0.48 9.94 21.25
O4B COA G . -0.96 9.35 20.05
C5B COA G . -0.14 11.41 20.98
O5B COA G . 1.08 11.43 20.24
P1A COA G . 1.73 12.78 19.67
O1A COA G . 2.82 12.38 18.70
O2A COA G . 2.05 13.65 20.88
O3A COA G . 0.55 13.47 18.82
P2A COA G . 0.86 14.55 17.67
O4A COA G . -0.16 15.66 17.86
O5A COA G . 2.33 14.85 17.59
O6A COA G . 0.53 13.82 16.28
CBP COA G . -0.84 12.57 14.63
CCP COA G . -0.60 12.96 16.10
CDP COA G . -1.98 11.55 14.67
CEP COA G . -1.29 13.82 13.90
CAP COA G . 0.38 11.99 13.89
OAP COA G . 1.03 11.06 14.77
C9P COA G . 0.11 11.26 12.61
O9P COA G . -0.26 10.10 12.62
N8P COA G . 0.27 11.87 11.42
C7P COA G . 0.02 11.19 10.17
C6P COA G . 0.75 11.93 9.05
C5P COA G . 0.27 11.58 7.65
O5P COA G . -0.52 10.68 7.47
N4P COA G . 0.76 12.27 6.61
C3P COA G . 0.45 12.15 5.17
C2P COA G . 1.10 13.24 4.33
S1P COA G . 0.57 14.99 4.39
PA TYD H . 11.51 -11.14 -7.19
O1A TYD H . 10.31 -11.89 -6.69
O2A TYD H . 11.70 -9.73 -6.67
O3A TYD H . 12.82 -12.07 -6.93
PB TYD H . 14.16 -11.83 -6.05
O1B TYD H . 15.18 -12.73 -6.74
O2B TYD H . 13.80 -12.24 -4.64
O3B TYD H . 14.52 -10.36 -6.17
O5' TYD H . 11.56 -11.05 -8.79
C5' TYD H . 11.61 -12.14 -9.74
C4' TYD H . 11.87 -11.52 -11.11
O4' TYD H . 10.80 -10.67 -11.55
C3' TYD H . 13.12 -10.63 -11.10
O3' TYD H . 14.15 -11.27 -11.85
C2' TYD H . 12.70 -9.28 -11.68
C1' TYD H . 11.17 -9.31 -11.81
N1 TYD H . 10.48 -8.28 -11.00
C2 TYD H . 10.28 -7.01 -11.42
O2 TYD H . 10.69 -6.63 -12.55
N3 TYD H . 9.65 -6.08 -10.67
C4 TYD H . 9.17 -6.35 -9.42
O4 TYD H . 8.58 -5.50 -8.72
C5 TYD H . 9.34 -7.65 -8.94
C5M TYD H . 8.82 -8.02 -7.58
C6 TYD H . 10.00 -8.58 -9.77
N1A COA I . 5.49 -4.13 14.93
C2A COA I . 5.12 -4.05 16.22
N3A COA I . 5.58 -4.91 17.13
C4A COA I . 6.42 -5.91 16.74
C5A COA I . 6.84 -6.01 15.42
C6A COA I . 6.34 -5.08 14.50
N6A COA I . 6.67 -5.10 13.18
N7A COA I . 7.67 -7.07 15.35
C8A COA I . 7.78 -7.60 16.59
N9A COA I . 7.00 -6.89 17.43
C1B COA I . 6.85 -7.01 18.90
C2B COA I . 6.46 -8.36 19.45
O2B COA I . 5.08 -8.38 19.87
C3B COA I . 7.40 -8.54 20.64
O3B COA I . 6.66 -8.03 21.75
P3B COA I . 7.06 -8.11 23.32
O7A COA I . 6.42 -9.42 23.72
O8A COA I . 8.58 -8.08 23.35
O9A COA I . 6.46 -6.83 23.88
C4B COA I . 8.63 -7.67 20.34
O4B COA I . 8.15 -6.69 19.42
C5B COA I . 9.84 -8.40 19.74
O5B COA I . 9.36 -9.50 18.99
P1A COA I . 10.20 -10.75 18.39
O1A COA I . 9.33 -11.43 17.34
O2A COA I . 10.69 -11.45 19.64
O3A COA I . 11.44 -10.02 17.67
P2A COA I . 12.14 -10.51 16.30
O4A COA I . 13.60 -10.13 16.46
O5A COA I . 11.59 -11.83 15.81
O6A COA I . 11.57 -9.65 15.07
CBP COA I . 11.47 -7.85 13.50
CCP COA I . 11.61 -8.23 14.96
CDP COA I . 11.39 -6.33 13.55
CEP COA I . 12.70 -8.26 12.69
CAP COA I . 10.20 -8.50 12.92
OAP COA I . 9.22 -8.55 13.97
C9P COA I . 9.65 -7.81 11.70
O9P COA I . 8.70 -7.06 11.77
N8P COA I . 10.19 -8.02 10.52
C7P COA I . 9.69 -7.33 9.33
C6P COA I . 9.98 -8.15 8.07
C5P COA I . 9.81 -7.32 6.82
O5P COA I . 9.22 -6.24 6.85
N4P COA I . 10.35 -7.83 5.72
C3P COA I . 10.41 -7.32 4.35
C2P COA I . 10.76 -8.51 3.44
S1P COA I . 12.43 -8.48 2.72
PA TYD J . -15.50 -3.51 -7.71
O1A TYD J . -15.13 -2.13 -7.23
O2A TYD J . -14.67 -4.65 -7.19
O3A TYD J . -17.06 -3.77 -7.40
PB TYD J . -17.67 -5.14 -6.82
O1B TYD J . -19.16 -4.89 -7.01
O2B TYD J . -17.20 -5.17 -5.39
O3B TYD J . -17.16 -6.20 -7.76
O5' TYD J . -15.49 -3.49 -9.33
C5' TYD J . -16.63 -3.61 -10.18
C4' TYD J . -16.11 -3.61 -11.62
O4' TYD J . -15.00 -2.71 -11.80
C3' TYD J . -15.62 -5.00 -11.98
O3' TYD J . -16.57 -5.73 -12.74
C2' TYD J . -14.37 -4.71 -12.81
C1' TYD J . -13.94 -3.28 -12.56
N1 TYD J . -12.62 -3.29 -11.88
C2 TYD J . -11.48 -3.64 -12.51
O2 TYD J . -11.45 -3.93 -13.73
N3 TYD J . -10.28 -3.69 -11.88
C4 TYD J . -10.16 -3.39 -10.58
O4 TYD J . -9.04 -3.43 -10.02
C5 TYD J . -11.32 -3.04 -9.89
C5M TYD J . -11.27 -2.69 -8.42
C6 TYD J . -12.53 -3.01 -10.57
#